data_8AKP
#
_entry.id   8AKP
#
_cell.length_a   79.220
_cell.length_b   87.300
_cell.length_c   42.530
_cell.angle_alpha   90.00
_cell.angle_beta   90.00
_cell.angle_gamma   90.00
#
_symmetry.space_group_name_H-M   'P 21 21 2'
#
loop_
_entity.id
_entity.type
_entity.pdbx_description
1 polymer 'catalytic domain of G7048'
2 branched alpha-D-mannopyranose-(1-3)-[alpha-D-mannopyranose-(1-6)]alpha-D-mannopyranose-(1-6)-[alpha-D-mannopyranose-(1-3)]beta-D-mannopyranose-(1-4)-2-acetamido-2-deoxy-beta-D-glucopyranose-(1-4)-2-acetamido-2-deoxy-beta-D-glucopyranose
3 non-polymer 2-AMINO-2-HYDROXYMETHYL-PROPANE-1,3-DIOL
4 water water
#
_entity_poly.entity_id   1
_entity_poly.type   'polypeptide(L)'
_entity_poly.pdbx_seq_one_letter_code
;AVSKGFNYGATKADGSSKYQADFKKDFAAAKALVEGGSGFTSARLYTMIQGGTTNTPIEAIPAAIEEKTELLLGLWASGG
NMDNEIAALKSAISQYGDDFANLVVGISVGSEDMYRNSVTGSKSNAGPGVEPEELVSYIQQVRSTIAGTGLSDASIGHVD
TWDSWTNSSNSDVVNHLDWLGFDGYPYYQLTMENGIENAKKLFDESVEKTKSVANGKEVWITETGWPVTGPQEGDATASP
ANAKTYWDEVGCPLFGNTNTWWYMLEDEGASPSFGVVKSDLKTPQFDLSC
;
_entity_poly.pdbx_strand_id   A
#
# COMPACT_ATOMS: atom_id res chain seq x y z
N ALA A 1 5.32 -10.43 -15.08
CA ALA A 1 4.77 -9.10 -15.36
C ALA A 1 4.96 -8.19 -14.15
N VAL A 2 5.07 -6.89 -14.40
CA VAL A 2 5.31 -5.91 -13.36
C VAL A 2 3.99 -5.28 -12.97
N SER A 3 3.71 -5.22 -11.68
CA SER A 3 2.49 -4.61 -11.18
C SER A 3 2.58 -3.09 -11.24
N LYS A 4 1.49 -2.46 -11.66
CA LYS A 4 1.37 -1.00 -11.68
C LYS A 4 -0.03 -0.66 -11.21
N GLY A 5 -0.15 0.06 -10.10
CA GLY A 5 -1.49 0.33 -9.60
C GLY A 5 -1.53 1.44 -8.58
N PHE A 6 -2.60 1.40 -7.78
CA PHE A 6 -2.89 2.41 -6.77
C PHE A 6 -3.24 1.72 -5.46
N ASN A 7 -3.04 2.46 -4.37
CA ASN A 7 -3.57 2.10 -3.06
C ASN A 7 -5.02 2.56 -2.92
N TYR A 8 -5.85 1.72 -2.28
CA TYR A 8 -7.27 2.00 -2.09
C TYR A 8 -7.66 1.71 -0.65
N GLY A 9 -8.34 2.66 -0.02
CA GLY A 9 -8.87 2.44 1.31
C GLY A 9 -10.20 1.73 1.27
N ALA A 10 -10.61 1.20 2.43
CA ALA A 10 -11.93 0.59 2.56
C ALA A 10 -13.02 1.61 2.77
N THR A 11 -12.66 2.87 3.07
CA THR A 11 -13.62 3.94 3.30
C THR A 11 -13.27 5.11 2.39
N LYS A 12 -14.22 6.02 2.23
CA LYS A 12 -13.99 7.25 1.50
C LYS A 12 -13.31 8.26 2.41
N ALA A 13 -12.97 9.43 1.84
CA ALA A 13 -12.29 10.45 2.63
C ALA A 13 -13.10 10.88 3.83
N ASP A 14 -14.44 10.85 3.72
CA ASP A 14 -15.31 11.24 4.82
C ASP A 14 -15.49 10.14 5.84
N GLY A 15 -14.87 8.99 5.65
CA GLY A 15 -14.96 7.88 6.57
C GLY A 15 -16.05 6.88 6.29
N SER A 16 -16.93 7.14 5.32
CA SER A 16 -18.02 6.21 5.06
C SER A 16 -17.52 5.03 4.24
N SER A 17 -18.20 3.89 4.40
CA SER A 17 -17.74 2.65 3.79
C SER A 17 -17.88 2.71 2.29
N LYS A 18 -16.89 2.14 1.59
CA LYS A 18 -16.97 1.94 0.14
C LYS A 18 -17.57 0.57 -0.17
N TYR A 19 -18.39 0.52 -1.20
CA TYR A 19 -19.07 -0.70 -1.59
C TYR A 19 -18.61 -1.13 -2.98
N GLN A 20 -19.08 -2.29 -3.43
CA GLN A 20 -18.60 -2.87 -4.69
C GLN A 20 -18.65 -1.86 -5.84
N ALA A 21 -19.74 -1.11 -5.95
CA ALA A 21 -19.87 -0.15 -7.05
C ALA A 21 -18.82 0.95 -6.96
N ASP A 22 -18.42 1.32 -5.74
CA ASP A 22 -17.37 2.34 -5.58
C ASP A 22 -16.02 1.81 -6.06
N PHE A 23 -15.66 0.60 -5.63
CA PHE A 23 -14.39 0.02 -6.05
C PHE A 23 -14.37 -0.16 -7.56
N LYS A 24 -15.48 -0.61 -8.13
CA LYS A 24 -15.53 -0.87 -9.57
C LYS A 24 -15.29 0.41 -10.35
N LYS A 25 -15.88 1.52 -9.90
CA LYS A 25 -15.66 2.76 -10.62
C LYS A 25 -14.21 3.23 -10.49
N ASP A 26 -13.60 3.06 -9.31
CA ASP A 26 -12.20 3.40 -9.13
C ASP A 26 -11.30 2.56 -10.05
N PHE A 27 -11.47 1.23 -10.01
CA PHE A 27 -10.60 0.37 -10.81
C PHE A 27 -10.71 0.70 -12.29
N ALA A 28 -11.92 1.00 -12.75
CA ALA A 28 -12.10 1.31 -14.18
C ALA A 28 -11.50 2.67 -14.53
N ALA A 29 -11.68 3.65 -13.66
CA ALA A 29 -11.08 4.96 -13.90
C ALA A 29 -9.57 4.90 -13.92
N ALA A 30 -8.97 4.09 -13.05
CA ALA A 30 -7.51 3.95 -13.06
C ALA A 30 -7.03 3.38 -14.38
N LYS A 31 -7.73 2.37 -14.91
CA LYS A 31 -7.37 1.82 -16.21
C LYS A 31 -7.47 2.87 -17.31
N ALA A 32 -8.41 3.80 -17.21
CA ALA A 32 -8.68 4.77 -18.26
C ALA A 32 -7.77 6.00 -18.18
N LEU A 33 -6.74 5.99 -17.35
CA LEU A 33 -5.80 7.10 -17.36
C LEU A 33 -4.80 6.97 -18.51
N VAL A 34 -4.12 5.83 -18.60
CA VAL A 34 -3.22 5.51 -19.71
C VAL A 34 -3.76 4.27 -20.43
N GLU A 35 -3.77 4.32 -21.76
CA GLU A 35 -4.41 3.29 -22.56
C GLU A 35 -3.50 2.08 -22.73
N SER A 38 0.42 -0.45 -21.06
CA SER A 38 0.66 -0.80 -19.66
C SER A 38 0.06 0.24 -18.74
N GLY A 39 -1.21 0.02 -18.36
CA GLY A 39 -1.95 0.93 -17.53
C GLY A 39 -1.93 0.54 -16.07
N PHE A 40 -2.65 1.33 -15.27
CA PHE A 40 -2.79 1.03 -13.85
C PHE A 40 -3.89 -0.01 -13.71
N THR A 41 -3.49 -1.27 -13.61
CA THR A 41 -4.44 -2.38 -13.57
C THR A 41 -4.37 -3.16 -12.28
N SER A 42 -3.71 -2.63 -11.24
CA SER A 42 -3.53 -3.35 -9.99
C SER A 42 -4.05 -2.47 -8.85
N ALA A 43 -4.42 -3.11 -7.74
CA ALA A 43 -5.00 -2.44 -6.58
C ALA A 43 -4.43 -3.03 -5.30
N ARG A 44 -3.89 -2.20 -4.42
CA ARG A 44 -3.46 -2.64 -3.11
C ARG A 44 -4.51 -2.25 -2.08
N LEU A 45 -4.88 -3.18 -1.19
CA LEU A 45 -5.81 -2.92 -0.11
C LEU A 45 -5.11 -3.09 1.22
N TYR A 46 -5.68 -2.48 2.27
CA TYR A 46 -5.10 -2.56 3.60
C TYR A 46 -5.80 -3.57 4.50
N THR A 47 -6.99 -4.04 4.12
CA THR A 47 -7.78 -4.92 4.96
C THR A 47 -8.56 -5.90 4.08
N MET A 48 -8.89 -7.04 4.66
CA MET A 48 -9.77 -8.00 4.00
C MET A 48 -11.24 -7.77 4.33
N ILE A 49 -11.55 -6.86 5.25
CA ILE A 49 -12.88 -6.78 5.87
C ILE A 49 -13.65 -5.63 5.24
N GLN A 50 -14.87 -5.91 4.80
CA GLN A 50 -15.77 -4.90 4.25
C GLN A 50 -16.11 -3.85 5.30
N GLY A 51 -16.07 -2.58 4.88
CA GLY A 51 -16.43 -1.48 5.74
C GLY A 51 -17.81 -1.60 6.33
N GLY A 52 -17.92 -1.37 7.63
CA GLY A 52 -19.17 -1.52 8.34
C GLY A 52 -19.48 -2.92 8.82
N THR A 53 -18.61 -3.91 8.54
CA THR A 53 -18.87 -5.29 8.93
C THR A 53 -17.78 -5.78 9.86
N THR A 54 -18.05 -6.92 10.50
CA THR A 54 -17.08 -7.52 11.42
C THR A 54 -16.02 -8.33 10.68
N ASN A 55 -16.42 -9.16 9.71
CA ASN A 55 -15.47 -9.99 9.00
C ASN A 55 -16.03 -10.50 7.68
N THR A 56 -16.90 -9.72 7.08
CA THR A 56 -17.38 -9.98 5.73
C THR A 56 -16.32 -9.57 4.69
N PRO A 57 -16.07 -10.41 3.68
CA PRO A 57 -15.02 -10.08 2.69
C PRO A 57 -15.26 -8.74 2.03
N ILE A 58 -14.18 -7.94 1.96
CA ILE A 58 -14.26 -6.61 1.37
C ILE A 58 -14.81 -6.69 -0.04
N GLU A 59 -15.70 -5.75 -0.38
CA GLU A 59 -16.39 -5.81 -1.66
C GLU A 59 -15.51 -5.35 -2.82
N ALA A 60 -14.26 -4.98 -2.54
CA ALA A 60 -13.29 -4.76 -3.60
C ALA A 60 -13.03 -6.04 -4.37
N ILE A 61 -13.26 -7.21 -3.75
CA ILE A 61 -12.91 -8.45 -4.41
C ILE A 61 -13.87 -8.71 -5.57
N PRO A 62 -15.20 -8.66 -5.39
CA PRO A 62 -16.06 -8.87 -6.56
C PRO A 62 -15.92 -7.77 -7.60
N ALA A 63 -15.62 -6.53 -7.18
CA ALA A 63 -15.35 -5.48 -8.15
C ALA A 63 -14.12 -5.79 -8.98
N ALA A 64 -13.06 -6.31 -8.35
CA ALA A 64 -11.83 -6.65 -9.07
C ALA A 64 -12.07 -7.78 -10.05
N ILE A 65 -12.90 -8.75 -9.67
CA ILE A 65 -13.24 -9.84 -10.58
C ILE A 65 -13.90 -9.29 -11.84
N GLU A 66 -14.83 -8.35 -11.68
CA GLU A 66 -15.54 -7.81 -12.85
C GLU A 66 -14.62 -6.94 -13.71
N GLU A 67 -13.70 -6.21 -13.09
CA GLU A 67 -12.80 -5.34 -13.84
C GLU A 67 -11.48 -6.02 -14.21
N LYS A 68 -11.29 -7.28 -13.82
CA LYS A 68 -10.03 -7.99 -14.03
C LYS A 68 -8.86 -7.21 -13.44
N THR A 69 -9.04 -6.75 -12.21
CA THR A 69 -8.04 -5.95 -11.52
C THR A 69 -7.17 -6.86 -10.66
N GLU A 70 -5.85 -6.77 -10.83
CA GLU A 70 -4.94 -7.51 -9.98
C GLU A 70 -5.04 -6.97 -8.55
N LEU A 71 -4.92 -7.86 -7.57
CA LEU A 71 -5.07 -7.51 -6.17
C LEU A 71 -3.81 -7.80 -5.38
N LEU A 72 -3.29 -6.78 -4.70
CA LEU A 72 -2.35 -6.97 -3.61
C LEU A 72 -3.16 -6.90 -2.31
N LEU A 73 -3.48 -8.05 -1.74
CA LEU A 73 -4.33 -8.11 -0.56
C LEU A 73 -3.58 -7.56 0.65
N GLY A 74 -4.34 -7.10 1.64
CA GLY A 74 -3.75 -6.68 2.90
C GLY A 74 -4.57 -7.17 4.08
N LEU A 75 -3.90 -7.62 5.14
CA LEU A 75 -4.52 -7.90 6.43
C LEU A 75 -4.00 -6.88 7.41
N TRP A 76 -4.91 -6.21 8.13
CA TRP A 76 -4.49 -5.17 9.07
C TRP A 76 -4.12 -5.85 10.37
N ALA A 77 -2.89 -5.65 10.83
CA ALA A 77 -2.37 -6.48 11.92
C ALA A 77 -2.32 -5.77 13.26
N SER A 78 -2.56 -4.46 13.29
CA SER A 78 -2.52 -3.71 14.54
C SER A 78 -3.90 -3.65 15.17
N GLY A 79 -3.94 -3.48 16.49
CA GLY A 79 -5.18 -3.33 17.21
C GLY A 79 -5.88 -4.61 17.60
N GLY A 80 -5.25 -5.76 17.41
CA GLY A 80 -5.82 -7.01 17.89
C GLY A 80 -6.98 -7.57 17.10
N ASN A 81 -7.03 -7.32 15.79
CA ASN A 81 -8.17 -7.74 14.98
C ASN A 81 -7.80 -8.78 13.94
N MET A 82 -6.65 -9.44 14.10
CA MET A 82 -6.23 -10.40 13.08
C MET A 82 -7.16 -11.60 13.02
N ASP A 83 -7.85 -11.94 14.11
CA ASP A 83 -8.81 -13.05 14.04
CA ASP A 83 -8.81 -13.05 14.04
C ASP A 83 -9.87 -12.76 13.00
N ASN A 84 -10.39 -11.52 12.96
CA ASN A 84 -11.40 -11.16 11.98
C ASN A 84 -10.82 -11.04 10.57
N GLU A 85 -9.57 -10.54 10.45
CA GLU A 85 -8.93 -10.52 9.13
C GLU A 85 -8.79 -11.91 8.57
N ILE A 86 -8.36 -12.87 9.39
CA ILE A 86 -8.20 -14.23 8.92
C ILE A 86 -9.54 -14.85 8.56
N ALA A 87 -10.57 -14.60 9.37
CA ALA A 87 -11.92 -15.06 9.03
C ALA A 87 -12.41 -14.50 7.70
N ALA A 88 -12.17 -13.20 7.45
CA ALA A 88 -12.58 -12.61 6.19
C ALA A 88 -11.80 -13.22 5.02
N LEU A 89 -10.52 -13.49 5.22
CA LEU A 89 -9.72 -14.11 4.17
C LEU A 89 -10.24 -15.50 3.86
N LYS A 90 -10.53 -16.30 4.90
CA LYS A 90 -11.10 -17.62 4.68
C LYS A 90 -12.41 -17.53 3.92
N SER A 91 -13.27 -16.56 4.27
CA SER A 91 -14.56 -16.44 3.62
C SER A 91 -14.40 -15.99 2.18
N ALA A 92 -13.45 -15.08 1.92
CA ALA A 92 -13.19 -14.65 0.55
C ALA A 92 -12.79 -15.84 -0.33
N ILE A 93 -11.88 -16.69 0.14
CA ILE A 93 -11.49 -17.88 -0.61
C ILE A 93 -12.71 -18.76 -0.86
N SER A 94 -13.53 -18.96 0.17
CA SER A 94 -14.69 -19.83 0.05
C SER A 94 -15.73 -19.25 -0.91
N GLN A 95 -16.05 -17.97 -0.78
CA GLN A 95 -17.17 -17.41 -1.53
C GLN A 95 -16.80 -17.09 -2.98
N TYR A 96 -15.58 -16.64 -3.26
CA TYR A 96 -15.24 -16.17 -4.60
C TYR A 96 -14.32 -17.11 -5.37
N GLY A 97 -13.67 -18.06 -4.69
CA GLY A 97 -13.01 -19.16 -5.38
C GLY A 97 -11.92 -18.71 -6.33
N ASP A 98 -11.84 -19.41 -7.48
CA ASP A 98 -10.69 -19.28 -8.38
C ASP A 98 -10.66 -17.94 -9.13
N ASP A 99 -11.83 -17.36 -9.45
CA ASP A 99 -11.82 -16.04 -10.08
C ASP A 99 -11.17 -15.00 -9.20
N PHE A 100 -11.30 -15.15 -7.89
CA PHE A 100 -10.60 -14.30 -6.93
C PHE A 100 -9.11 -14.66 -6.86
N ALA A 101 -8.81 -15.95 -6.63
CA ALA A 101 -7.42 -16.35 -6.45
C ALA A 101 -6.56 -15.98 -7.64
N ASN A 102 -7.11 -16.06 -8.85
CA ASN A 102 -6.35 -15.81 -10.06
C ASN A 102 -5.91 -14.35 -10.19
N LEU A 103 -6.49 -13.45 -9.42
CA LEU A 103 -6.11 -12.04 -9.48
C LEU A 103 -5.09 -11.64 -8.43
N VAL A 104 -4.78 -12.51 -7.47
CA VAL A 104 -4.01 -12.12 -6.30
C VAL A 104 -2.53 -12.21 -6.62
N VAL A 105 -1.84 -11.07 -6.55
CA VAL A 105 -0.40 -11.04 -6.79
C VAL A 105 0.41 -11.31 -5.52
N GLY A 106 -0.19 -11.10 -4.35
CA GLY A 106 0.55 -11.24 -3.11
C GLY A 106 -0.36 -10.85 -1.97
N ILE A 107 0.10 -11.12 -0.76
CA ILE A 107 -0.66 -10.82 0.45
C ILE A 107 0.29 -10.15 1.43
N SER A 108 -0.07 -8.97 1.88
CA SER A 108 0.73 -8.25 2.86
C SER A 108 0.09 -8.42 4.23
N VAL A 109 0.87 -8.90 5.18
CA VAL A 109 0.42 -9.10 6.54
C VAL A 109 0.86 -7.87 7.30
N GLY A 110 -0.04 -6.93 7.47
CA GLY A 110 0.29 -5.73 8.24
C GLY A 110 0.81 -4.61 7.37
N SER A 111 0.47 -3.38 7.77
CA SER A 111 0.90 -2.17 7.08
C SER A 111 1.39 -1.19 8.13
N GLU A 112 2.71 -1.00 8.20
CA GLU A 112 3.39 -0.04 9.06
C GLU A 112 3.24 -0.37 10.55
N ASP A 113 3.05 -1.65 10.88
CA ASP A 113 2.95 -2.02 12.29
C ASP A 113 4.27 -1.86 13.03
N MET A 114 5.40 -1.98 12.33
CA MET A 114 6.67 -1.78 13.01
C MET A 114 6.97 -0.30 13.22
N TYR A 115 6.63 0.53 12.23
CA TYR A 115 6.72 1.97 12.42
C TYR A 115 5.91 2.44 13.62
N ARG A 116 4.69 1.92 13.80
CA ARG A 116 3.92 2.36 14.94
C ARG A 116 4.45 1.82 16.26
N ASN A 117 5.31 0.81 16.22
CA ASN A 117 6.01 0.27 17.38
C ASN A 117 7.40 0.87 17.55
N SER A 118 7.64 2.05 16.97
CA SER A 118 8.91 2.76 17.08
C SER A 118 8.71 4.03 17.91
N VAL A 119 9.81 4.71 18.22
CA VAL A 119 9.70 5.85 19.13
C VAL A 119 8.96 7.00 18.45
N THR A 120 9.43 7.41 17.26
CA THR A 120 8.73 8.49 16.58
C THR A 120 7.35 8.04 16.08
N GLY A 121 7.21 6.77 15.70
CA GLY A 121 5.92 6.28 15.28
C GLY A 121 4.89 6.23 16.40
N SER A 122 5.34 6.02 17.65
CA SER A 122 4.42 6.02 18.77
C SER A 122 3.69 7.36 18.87
N LYS A 123 4.43 8.45 18.70
CA LYS A 123 3.92 9.80 18.81
C LYS A 123 3.14 10.25 17.59
N SER A 124 3.09 9.45 16.54
CA SER A 124 2.36 9.84 15.35
C SER A 124 0.85 9.81 15.56
N ASN A 125 0.39 9.29 16.70
CA ASN A 125 -1.04 9.16 17.00
C ASN A 125 -1.78 8.32 15.97
N ALA A 126 -1.06 7.46 15.25
CA ALA A 126 -1.67 6.58 14.27
C ALA A 126 -2.18 5.29 14.88
N GLY A 127 -2.19 5.20 16.20
CA GLY A 127 -2.63 4.00 16.88
C GLY A 127 -1.47 3.11 17.28
N PRO A 128 -1.78 1.94 17.80
CA PRO A 128 -0.75 1.04 18.31
C PRO A 128 -0.07 0.29 17.17
N GLY A 129 1.08 -0.31 17.48
CA GLY A 129 1.80 -1.17 16.59
C GLY A 129 1.79 -2.62 17.02
N VAL A 130 2.75 -3.37 16.48
CA VAL A 130 2.90 -4.80 16.76
C VAL A 130 4.39 -5.10 16.97
N GLU A 131 4.68 -5.98 17.95
CA GLU A 131 6.06 -6.41 18.17
C GLU A 131 6.50 -7.40 17.09
N PRO A 132 7.79 -7.41 16.73
CA PRO A 132 8.26 -8.31 15.66
C PRO A 132 7.86 -9.76 15.85
N GLU A 133 7.93 -10.27 17.09
CA GLU A 133 7.57 -11.67 17.34
C GLU A 133 6.12 -11.94 17.00
N GLU A 134 5.22 -11.01 17.35
CA GLU A 134 3.81 -11.29 17.07
C GLU A 134 3.53 -11.17 15.58
N LEU A 135 4.22 -10.25 14.90
CA LEU A 135 4.09 -10.13 13.47
C LEU A 135 4.54 -11.42 12.77
N VAL A 136 5.66 -11.98 13.22
CA VAL A 136 6.10 -13.26 12.68
C VAL A 136 5.05 -14.33 12.90
N SER A 137 4.41 -14.32 14.07
CA SER A 137 3.37 -15.33 14.31
C SER A 137 2.18 -15.10 13.39
N TYR A 138 1.84 -13.83 13.12
CA TYR A 138 0.74 -13.53 12.20
C TYR A 138 1.07 -13.99 10.79
N ILE A 139 2.31 -13.75 10.35
CA ILE A 139 2.77 -14.23 9.05
C ILE A 139 2.61 -15.74 8.95
N GLN A 140 3.05 -16.48 9.98
CA GLN A 140 2.89 -17.93 9.97
CA GLN A 140 2.89 -17.93 9.93
C GLN A 140 1.42 -18.35 9.95
N GLN A 141 0.54 -17.57 10.60
CA GLN A 141 -0.87 -17.95 10.61
C GLN A 141 -1.48 -17.80 9.23
N VAL A 142 -1.10 -16.74 8.50
CA VAL A 142 -1.63 -16.52 7.17
C VAL A 142 -1.10 -17.57 6.21
N ARG A 143 0.21 -17.88 6.28
CA ARG A 143 0.75 -18.96 5.48
C ARG A 143 -0.01 -20.27 5.69
N SER A 144 -0.31 -20.61 6.94
N SER A 144 -0.29 -20.61 6.96
CA SER A 144 -1.07 -21.82 7.19
CA SER A 144 -1.08 -21.81 7.23
C SER A 144 -2.50 -21.71 6.67
C SER A 144 -2.48 -21.70 6.64
N THR A 145 -3.08 -20.50 6.72
CA THR A 145 -4.44 -20.30 6.24
C THR A 145 -4.57 -20.55 4.74
N ILE A 146 -3.62 -20.05 3.95
CA ILE A 146 -3.75 -20.20 2.49
C ILE A 146 -3.18 -21.51 1.97
N ALA A 147 -2.44 -22.25 2.79
CA ALA A 147 -1.83 -23.51 2.34
C ALA A 147 -2.88 -24.49 1.85
N GLY A 148 -2.73 -24.97 0.62
CA GLY A 148 -3.67 -25.89 0.03
C GLY A 148 -4.82 -25.25 -0.72
N THR A 149 -5.04 -23.95 -0.56
CA THR A 149 -6.18 -23.28 -1.17
C THR A 149 -5.79 -22.75 -2.55
N GLY A 150 -6.74 -22.05 -3.19
CA GLY A 150 -6.45 -21.38 -4.44
C GLY A 150 -5.43 -20.28 -4.30
N LEU A 151 -5.18 -19.82 -3.08
CA LEU A 151 -4.17 -18.79 -2.80
C LEU A 151 -2.84 -19.38 -2.37
N SER A 152 -2.70 -20.71 -2.42
CA SER A 152 -1.46 -21.34 -1.97
C SER A 152 -0.24 -20.87 -2.74
N ASP A 153 -0.42 -20.26 -3.92
CA ASP A 153 0.71 -19.75 -4.70
C ASP A 153 0.92 -18.26 -4.52
N ALA A 154 0.12 -17.59 -3.70
CA ALA A 154 0.29 -16.16 -3.45
C ALA A 154 1.48 -15.92 -2.53
N SER A 155 2.29 -14.90 -2.85
CA SER A 155 3.49 -14.63 -2.08
C SER A 155 3.18 -13.69 -0.92
N ILE A 156 3.87 -13.90 0.21
CA ILE A 156 3.54 -13.22 1.45
C ILE A 156 4.59 -12.16 1.72
N GLY A 157 4.14 -10.93 1.95
CA GLY A 157 5.03 -9.87 2.36
C GLY A 157 4.48 -9.09 3.55
N HIS A 158 5.05 -7.92 3.78
CA HIS A 158 4.62 -7.00 4.81
C HIS A 158 5.07 -5.62 4.36
N VAL A 159 4.29 -4.60 4.71
CA VAL A 159 4.56 -3.23 4.28
C VAL A 159 5.01 -2.42 5.48
N ASP A 160 6.12 -1.68 5.33
CA ASP A 160 6.54 -0.83 6.44
C ASP A 160 7.47 0.26 5.92
N THR A 161 7.78 1.20 6.80
CA THR A 161 8.65 2.31 6.43
C THR A 161 10.11 1.85 6.37
N TRP A 162 10.91 2.58 5.59
CA TRP A 162 12.30 2.18 5.43
C TRP A 162 13.04 2.16 6.76
N ASP A 163 12.72 3.11 7.66
CA ASP A 163 13.43 3.14 8.94
C ASP A 163 13.03 1.97 9.84
N SER A 164 11.84 1.41 9.66
CA SER A 164 11.47 0.24 10.44
C SER A 164 12.16 -1.01 9.89
N TRP A 165 12.29 -1.10 8.57
CA TRP A 165 13.06 -2.19 7.96
C TRP A 165 14.52 -2.16 8.39
N THR A 166 15.10 -0.97 8.51
CA THR A 166 16.52 -0.87 8.83
C THR A 166 16.80 -0.97 10.32
N ASN A 167 15.76 -0.99 11.15
CA ASN A 167 15.88 -1.16 12.58
C ASN A 167 16.21 -2.62 12.85
N SER A 168 17.40 -2.88 13.36
CA SER A 168 17.87 -4.26 13.45
C SER A 168 17.09 -5.11 14.48
N SER A 169 16.34 -4.50 15.39
CA SER A 169 15.49 -5.30 16.27
C SER A 169 14.36 -5.98 15.52
N ASN A 170 14.02 -5.48 14.33
CA ASN A 170 12.97 -6.03 13.49
C ASN A 170 13.47 -7.07 12.52
N SER A 171 14.72 -7.50 12.67
CA SER A 171 15.40 -8.28 11.63
C SER A 171 14.73 -9.62 11.38
N ASP A 172 14.06 -10.21 12.38
CA ASP A 172 13.51 -11.54 12.16
C ASP A 172 12.27 -11.52 11.28
N VAL A 173 11.60 -10.38 11.13
CA VAL A 173 10.43 -10.30 10.27
C VAL A 173 10.84 -10.60 8.83
N VAL A 174 11.93 -9.97 8.39
CA VAL A 174 12.42 -10.19 7.02
C VAL A 174 12.60 -11.67 6.75
N ASN A 175 13.05 -12.42 7.75
CA ASN A 175 13.40 -13.82 7.53
C ASN A 175 12.18 -14.70 7.30
N HIS A 176 10.97 -14.17 7.48
CA HIS A 176 9.79 -14.99 7.29
C HIS A 176 8.95 -14.51 6.12
N LEU A 177 9.46 -13.55 5.33
CA LEU A 177 8.73 -12.96 4.21
C LEU A 177 9.28 -13.40 2.87
N ASP A 178 8.42 -13.31 1.86
CA ASP A 178 8.80 -13.57 0.48
C ASP A 178 9.29 -12.30 -0.22
N TRP A 179 8.79 -11.14 0.19
CA TRP A 179 9.17 -9.85 -0.37
C TRP A 179 8.91 -8.78 0.67
N LEU A 180 9.52 -7.62 0.48
CA LEU A 180 9.39 -6.51 1.41
C LEU A 180 8.63 -5.38 0.75
N GLY A 181 7.64 -4.83 1.45
CA GLY A 181 6.88 -3.70 0.94
C GLY A 181 7.43 -2.41 1.51
N PHE A 182 7.86 -1.52 0.59
CA PHE A 182 8.44 -0.24 0.96
C PHE A 182 7.38 0.85 1.01
N ASP A 183 7.32 1.55 2.13
CA ASP A 183 6.55 2.78 2.28
CA ASP A 183 6.55 2.78 2.29
C ASP A 183 7.52 3.92 2.56
N GLY A 184 7.49 4.94 1.73
CA GLY A 184 8.39 6.04 1.97
C GLY A 184 7.89 7.28 1.28
N TYR A 185 7.91 8.41 1.99
CA TYR A 185 7.49 9.70 1.46
C TYR A 185 8.51 10.76 1.82
N PRO A 186 9.36 11.18 0.89
CA PRO A 186 10.22 12.35 1.16
C PRO A 186 9.43 13.56 1.65
N TYR A 187 8.17 13.70 1.24
CA TYR A 187 7.36 14.82 1.72
C TYR A 187 7.30 14.88 3.24
N TYR A 188 7.32 13.72 3.91
CA TYR A 188 7.18 13.66 5.36
C TYR A 188 8.51 13.64 6.11
N GLN A 189 9.65 13.64 5.41
CA GLN A 189 10.95 13.46 6.06
C GLN A 189 11.50 14.81 6.50
N LEU A 190 10.85 15.40 7.50
CA LEU A 190 11.11 16.81 7.78
C LEU A 190 12.36 17.05 8.63
N THR A 191 13.04 15.99 9.08
CA THR A 191 14.36 16.14 9.68
C THR A 191 15.46 16.30 8.64
N MET A 192 15.13 16.14 7.36
CA MET A 192 16.08 16.29 6.28
CA MET A 192 16.10 16.31 6.29
C MET A 192 15.75 17.54 5.48
N GLU A 193 16.63 17.88 4.54
CA GLU A 193 16.36 18.96 3.59
C GLU A 193 15.45 18.36 2.52
N ASN A 194 14.14 18.32 2.83
CA ASN A 194 13.18 17.54 2.05
C ASN A 194 12.32 18.40 1.12
N GLY A 195 12.86 19.50 0.61
CA GLY A 195 12.20 20.19 -0.48
C GLY A 195 12.06 19.27 -1.69
N ILE A 196 11.13 19.63 -2.59
CA ILE A 196 10.92 18.84 -3.80
C ILE A 196 12.24 18.66 -4.55
N GLU A 197 13.15 19.63 -4.43
CA GLU A 197 14.47 19.56 -5.04
C GLU A 197 15.21 18.27 -4.68
N ASN A 198 14.99 17.75 -3.48
CA ASN A 198 15.75 16.61 -3.01
C ASN A 198 14.95 15.33 -2.99
N ALA A 199 13.73 15.34 -3.55
CA ALA A 199 12.80 14.23 -3.37
C ALA A 199 13.33 12.93 -3.99
N LYS A 200 13.92 13.01 -5.19
CA LYS A 200 14.39 11.78 -5.83
C LYS A 200 15.57 11.20 -5.08
N LYS A 201 16.48 12.07 -4.63
CA LYS A 201 17.65 11.62 -3.85
C LYS A 201 17.15 10.91 -2.59
N LEU A 202 16.22 11.54 -1.85
CA LEU A 202 15.78 10.95 -0.59
C LEU A 202 15.04 9.64 -0.82
N PHE A 203 14.20 9.59 -1.86
CA PHE A 203 13.52 8.33 -2.19
C PHE A 203 14.53 7.23 -2.49
N ASP A 204 15.44 7.50 -3.43
CA ASP A 204 16.44 6.51 -3.81
C ASP A 204 17.25 6.03 -2.61
N GLU A 205 17.71 6.95 -1.78
CA GLU A 205 18.48 6.58 -0.59
C GLU A 205 17.68 5.65 0.32
N SER A 206 16.40 5.95 0.54
CA SER A 206 15.59 5.14 1.43
CA SER A 206 15.61 5.14 1.45
C SER A 206 15.36 3.75 0.86
N VAL A 207 15.15 3.67 -0.45
CA VAL A 207 14.99 2.35 -1.07
C VAL A 207 16.28 1.54 -0.96
N GLU A 208 17.45 2.18 -1.14
CA GLU A 208 18.70 1.45 -1.04
C GLU A 208 18.95 0.96 0.38
N LYS A 209 18.52 1.73 1.37
CA LYS A 209 18.60 1.29 2.77
C LYS A 209 17.74 0.06 3.00
N THR A 210 16.54 0.04 2.42
CA THR A 210 15.66 -1.12 2.57
C THR A 210 16.24 -2.34 1.88
N LYS A 211 16.76 -2.14 0.67
CA LYS A 211 17.39 -3.25 -0.05
C LYS A 211 18.57 -3.82 0.75
N SER A 212 19.30 -2.98 1.48
CA SER A 212 20.46 -3.47 2.21
C SER A 212 20.09 -4.44 3.33
N VAL A 213 18.84 -4.49 3.76
CA VAL A 213 18.44 -5.43 4.80
C VAL A 213 17.44 -6.45 4.27
N ALA A 214 17.22 -6.51 2.96
CA ALA A 214 16.23 -7.41 2.38
C ALA A 214 16.76 -8.81 2.10
N ASN A 215 18.06 -9.04 2.32
CA ASN A 215 18.69 -10.34 2.10
CA ASN A 215 18.68 -10.34 2.10
C ASN A 215 18.41 -10.89 0.70
N GLY A 216 18.46 -10.00 -0.31
CA GLY A 216 18.28 -10.44 -1.68
C GLY A 216 16.85 -10.67 -2.14
N LYS A 217 15.85 -10.44 -1.29
CA LYS A 217 14.46 -10.56 -1.68
C LYS A 217 13.95 -9.25 -2.29
N GLU A 218 12.93 -9.37 -3.14
CA GLU A 218 12.42 -8.19 -3.85
C GLU A 218 11.85 -7.16 -2.88
N VAL A 219 12.11 -5.88 -3.19
CA VAL A 219 11.49 -4.76 -2.48
C VAL A 219 10.47 -4.15 -3.43
N TRP A 220 9.19 -4.21 -3.04
CA TRP A 220 8.12 -3.63 -3.84
C TRP A 220 7.82 -2.22 -3.32
N ILE A 221 7.49 -1.30 -4.22
CA ILE A 221 7.14 0.06 -3.80
C ILE A 221 5.63 0.04 -3.54
N THR A 222 5.25 -0.21 -2.30
CA THR A 222 3.83 -0.38 -2.01
C THR A 222 3.13 0.93 -1.65
N GLU A 223 3.88 1.99 -1.34
CA GLU A 223 3.28 3.30 -1.09
C GLU A 223 4.34 4.37 -1.30
N THR A 224 4.05 5.33 -2.19
CA THR A 224 4.71 6.63 -2.20
C THR A 224 3.84 7.56 -3.02
N GLY A 225 4.15 8.86 -2.92
CA GLY A 225 3.38 9.89 -3.59
C GLY A 225 3.73 11.24 -3.02
N TRP A 226 3.08 12.27 -3.57
CA TRP A 226 3.37 13.66 -3.20
C TRP A 226 2.06 14.43 -3.30
N PRO A 227 1.67 15.18 -2.28
CA PRO A 227 0.32 15.74 -2.25
C PRO A 227 0.18 16.99 -3.11
N VAL A 228 -1.02 17.16 -3.66
CA VAL A 228 -1.35 18.37 -4.42
C VAL A 228 -1.81 19.52 -3.53
N THR A 229 -2.42 19.22 -2.38
CA THR A 229 -2.75 20.22 -1.38
C THR A 229 -2.45 19.63 0.00
N GLY A 230 -2.25 20.52 0.97
CA GLY A 230 -1.95 20.09 2.31
C GLY A 230 -0.89 20.97 2.96
N PRO A 231 -0.69 20.80 4.27
CA PRO A 231 0.25 21.66 4.99
C PRO A 231 1.69 21.39 4.59
N GLN A 232 2.54 22.36 4.90
CA GLN A 232 3.96 22.24 4.60
C GLN A 232 4.62 21.36 5.66
N GLU A 233 5.49 20.46 5.22
CA GLU A 233 6.22 19.55 6.10
C GLU A 233 7.70 19.83 5.91
N GLY A 234 8.31 20.53 6.87
CA GLY A 234 9.70 20.91 6.69
C GLY A 234 9.82 21.81 5.47
N ASP A 235 10.64 21.42 4.51
CA ASP A 235 10.81 22.16 3.27
C ASP A 235 9.85 21.70 2.17
N ALA A 236 9.08 20.63 2.40
CA ALA A 236 8.21 20.08 1.38
C ALA A 236 6.87 20.81 1.36
N THR A 237 6.46 21.29 0.18
CA THR A 237 5.19 21.96 -0.02
CA THR A 237 5.17 21.94 0.02
C THR A 237 4.32 21.14 -0.97
N ALA A 238 3.04 21.08 -0.67
CA ALA A 238 2.05 20.45 -1.54
C ALA A 238 1.65 21.42 -2.65
N SER A 239 1.71 20.95 -3.90
CA SER A 239 1.20 21.72 -5.02
C SER A 239 1.09 20.79 -6.22
N PRO A 240 0.26 21.15 -7.22
CA PRO A 240 0.22 20.32 -8.43
C PRO A 240 1.53 20.28 -9.16
N ALA A 241 2.29 21.38 -9.16
CA ALA A 241 3.61 21.39 -9.77
C ALA A 241 4.54 20.42 -9.07
N ASN A 242 4.58 20.46 -7.74
CA ASN A 242 5.46 19.57 -6.99
C ASN A 242 5.01 18.11 -7.08
N ALA A 243 3.70 17.85 -7.06
CA ALA A 243 3.24 16.47 -7.23
C ALA A 243 3.62 15.97 -8.62
N LYS A 244 3.50 16.84 -9.62
CA LYS A 244 3.90 16.50 -10.99
C LYS A 244 5.39 16.18 -11.05
N THR A 245 6.21 17.01 -10.40
CA THR A 245 7.66 16.77 -10.41
C THR A 245 8.01 15.43 -9.76
N TYR A 246 7.33 15.10 -8.67
CA TYR A 246 7.60 13.83 -7.99
C TYR A 246 7.14 12.65 -8.86
N TRP A 247 5.95 12.76 -9.44
CA TRP A 247 5.47 11.77 -10.40
C TRP A 247 6.51 11.49 -11.48
N ASP A 248 7.06 12.57 -12.06
CA ASP A 248 8.01 12.43 -13.16
C ASP A 248 9.34 11.86 -12.70
N GLU A 249 9.85 12.33 -11.56
CA GLU A 249 11.20 11.96 -11.13
C GLU A 249 11.23 10.59 -10.45
N VAL A 250 10.21 10.26 -9.68
CA VAL A 250 10.17 9.02 -8.92
C VAL A 250 9.24 8.00 -9.57
N GLY A 251 8.05 8.42 -9.99
CA GLY A 251 7.07 7.46 -10.49
C GLY A 251 7.41 6.92 -11.87
N CYS A 252 7.66 7.82 -12.83
CA CYS A 252 7.92 7.37 -14.20
C CYS A 252 9.03 6.33 -14.32
N PRO A 253 10.16 6.43 -13.63
CA PRO A 253 11.16 5.34 -13.71
C PRO A 253 10.72 4.04 -13.05
N LEU A 254 9.80 4.09 -12.10
CA LEU A 254 9.31 2.86 -11.47
C LEU A 254 8.30 2.15 -12.36
N PHE A 255 7.39 2.89 -12.99
CA PHE A 255 6.23 2.31 -13.66
C PHE A 255 6.66 1.28 -14.69
N GLY A 256 6.16 0.05 -14.53
CA GLY A 256 6.48 -1.01 -15.46
C GLY A 256 7.84 -1.65 -15.27
N ASN A 257 8.63 -1.17 -14.31
CA ASN A 257 9.94 -1.72 -14.00
C ASN A 257 10.02 -2.34 -12.63
N THR A 258 9.47 -1.68 -11.62
CA THR A 258 9.40 -2.20 -10.26
C THR A 258 7.93 -2.26 -9.86
N ASN A 259 7.52 -3.33 -9.17
CA ASN A 259 6.15 -3.38 -8.67
C ASN A 259 5.85 -2.13 -7.86
N THR A 260 4.86 -1.36 -8.28
CA THR A 260 4.59 -0.07 -7.67
C THR A 260 3.09 0.14 -7.50
N TRP A 261 2.69 0.55 -6.30
CA TRP A 261 1.32 1.01 -6.06
C TRP A 261 1.40 2.45 -5.58
N TRP A 262 0.92 3.38 -6.41
CA TRP A 262 0.99 4.80 -6.07
C TRP A 262 -0.04 5.16 -5.00
N TYR A 263 0.28 6.22 -4.24
CA TYR A 263 -0.66 6.78 -3.24
C TYR A 263 -0.98 8.24 -3.65
N MET A 264 -2.16 8.48 -4.20
CA MET A 264 -3.21 7.47 -4.48
C MET A 264 -4.05 7.92 -5.67
N LEU A 265 -5.13 7.19 -5.95
CA LEU A 265 -5.91 7.57 -7.14
C LEU A 265 -6.70 8.85 -6.87
N GLU A 266 -7.51 8.87 -5.81
CA GLU A 266 -8.43 9.98 -5.58
C GLU A 266 -8.78 10.04 -4.10
N ASP A 267 -8.79 11.25 -3.54
CA ASP A 267 -9.09 11.44 -2.12
C ASP A 267 -9.57 12.86 -1.83
N GLU A 268 -10.38 13.42 -2.71
CA GLU A 268 -10.85 14.79 -2.52
C GLU A 268 -11.64 14.90 -1.22
N GLY A 269 -11.29 15.90 -0.41
CA GLY A 269 -11.78 16.06 0.94
C GLY A 269 -10.72 15.78 1.99
N ALA A 270 -9.72 14.95 1.68
CA ALA A 270 -8.68 14.65 2.64
C ALA A 270 -7.61 15.75 2.63
N SER A 271 -6.93 15.89 3.77
CA SER A 271 -5.77 16.78 3.84
C SER A 271 -4.65 16.06 4.57
N PRO A 272 -3.48 15.89 3.95
CA PRO A 272 -3.13 16.29 2.57
C PRO A 272 -3.93 15.48 1.56
N SER A 273 -4.05 15.99 0.34
CA SER A 273 -4.73 15.26 -0.73
C SER A 273 -3.64 14.71 -1.64
N PHE A 274 -3.50 13.39 -1.67
CA PHE A 274 -2.52 12.70 -2.49
C PHE A 274 -3.08 12.22 -3.82
N GLY A 275 -4.39 12.36 -4.06
CA GLY A 275 -4.96 11.82 -5.27
C GLY A 275 -4.39 12.48 -6.52
N VAL A 276 -4.25 11.68 -7.57
CA VAL A 276 -3.75 12.22 -8.84
C VAL A 276 -4.86 12.55 -9.82
N VAL A 277 -6.12 12.21 -9.50
N VAL A 277 -6.12 12.21 -9.49
CA VAL A 277 -7.26 12.63 -10.30
CA VAL A 277 -7.28 12.58 -10.29
C VAL A 277 -8.30 13.24 -9.38
C VAL A 277 -8.31 13.24 -9.37
N LYS A 278 -9.14 14.10 -9.96
CA LYS A 278 -10.21 14.75 -9.21
C LYS A 278 -11.34 13.76 -8.92
N SER A 279 -12.32 14.19 -8.13
CA SER A 279 -13.35 13.24 -7.72
C SER A 279 -14.30 12.87 -8.84
N ASP A 280 -14.23 13.51 -10.02
CA ASP A 280 -14.97 12.99 -11.16
C ASP A 280 -14.31 11.73 -11.75
N LEU A 281 -13.15 11.36 -11.24
CA LEU A 281 -12.38 10.18 -11.68
C LEU A 281 -11.97 10.26 -13.14
N LYS A 282 -11.91 11.47 -13.70
CA LYS A 282 -11.50 11.69 -15.09
C LYS A 282 -10.54 12.85 -15.27
N THR A 283 -10.61 13.91 -14.46
CA THR A 283 -9.76 15.08 -14.65
C THR A 283 -8.48 14.91 -13.82
N PRO A 284 -7.32 14.74 -14.44
CA PRO A 284 -6.10 14.56 -13.65
C PRO A 284 -5.75 15.86 -12.92
N GLN A 285 -5.07 15.72 -11.77
CA GLN A 285 -4.58 16.91 -11.08
C GLN A 285 -3.36 17.51 -11.76
N PHE A 286 -2.67 16.73 -12.59
CA PHE A 286 -1.54 17.21 -13.38
C PHE A 286 -1.35 16.24 -14.54
N ASP A 287 -0.44 16.59 -15.45
CA ASP A 287 -0.18 15.74 -16.61
C ASP A 287 0.44 14.43 -16.17
N LEU A 288 -0.24 13.31 -16.45
CA LEU A 288 0.17 12.01 -15.96
C LEU A 288 1.02 11.23 -16.95
N SER A 289 1.17 11.74 -18.17
CA SER A 289 2.08 11.12 -19.13
C SER A 289 3.50 11.13 -18.58
N CYS A 290 4.28 10.16 -19.03
CA CYS A 290 5.65 10.05 -18.56
C CYS A 290 6.66 10.38 -19.68
#